data_7ADS
#
_entry.id   7ADS
#
_cell.length_a   106.613
_cell.length_b   106.613
_cell.length_c   60.589
_cell.angle_alpha   90.000
_cell.angle_beta   90.000
_cell.angle_gamma   120.000
#
_symmetry.space_group_name_H-M   'P 62 2 2'
#
loop_
_entity.id
_entity.type
_entity.pdbx_description
1 polymer 'Apoptosis inhibitor'
2 non-polymer 1,2-ETHANEDIOL
3 non-polymer 'SODIUM ION'
4 non-polymer 'CHLORIDE ION'
5 non-polymer 'MAGNESIUM ION'
6 water water
#
_entity_poly.entity_id   1
_entity_poly.type   'polypeptide(L)'
_entity_poly.pdbx_seq_one_letter_code
;GPLGSMANRDDIDASAVMAAYLAREYAEAVEEQLTPRERDALEALRVSGEEVRSPLLQELSNAGEHRANPENSHIPAALV
SALLEAPTSPGRMVTAVELCAQMGRLWTRGRQLVDFMRLVYVLLDRLPPTADEDLGAWLQAVARVHGT
;
_entity_poly.pdbx_strand_id   A
#
# COMPACT_ATOMS: atom_id res chain seq x y z
N ARG A 9 -5.48 25.63 17.76
CA ARG A 9 -5.36 24.94 16.49
C ARG A 9 -4.07 25.34 15.77
N ASP A 10 -3.16 25.98 16.51
CA ASP A 10 -1.83 26.31 15.99
C ASP A 10 -0.81 25.21 16.23
N ASP A 11 -1.22 24.11 16.87
CA ASP A 11 -0.30 23.00 17.09
C ASP A 11 0.03 22.32 15.78
N ILE A 12 1.28 21.87 15.64
CA ILE A 12 1.79 21.28 14.41
C ILE A 12 2.25 19.86 14.69
N ASP A 13 1.73 18.91 13.92
CA ASP A 13 2.19 17.53 13.98
C ASP A 13 3.37 17.40 13.03
N ALA A 14 4.57 17.59 13.57
CA ALA A 14 5.77 17.62 12.72
C ALA A 14 5.92 16.33 11.93
N SER A 15 5.77 15.18 12.61
CA SER A 15 5.90 13.90 11.93
C SER A 15 4.95 13.82 10.73
N ALA A 16 3.70 14.25 10.92
CA ALA A 16 2.72 14.19 9.83
C ALA A 16 3.15 15.06 8.65
N VAL A 17 3.49 16.33 8.94
CA VAL A 17 3.86 17.25 7.87
C VAL A 17 5.08 16.74 7.11
N MET A 18 6.10 16.27 7.85
CA MET A 18 7.31 15.79 7.20
C MET A 18 7.01 14.57 6.33
N ALA A 19 6.17 13.65 6.82
CA ALA A 19 5.85 12.46 6.06
C ALA A 19 5.11 12.81 4.77
N ALA A 20 4.11 13.70 4.88
CA ALA A 20 3.38 14.13 3.69
C ALA A 20 4.32 14.75 2.67
N TYR A 21 5.19 15.66 3.11
CA TYR A 21 6.14 16.28 2.22
C TYR A 21 6.97 15.24 1.47
N LEU A 22 7.66 14.38 2.23
CA LEU A 22 8.55 13.41 1.60
C LEU A 22 7.79 12.46 0.69
N ALA A 23 6.60 12.02 1.11
CA ALA A 23 5.83 11.09 0.28
C ALA A 23 5.46 11.71 -1.05
N ARG A 24 5.00 12.97 -1.04
CA ARG A 24 4.63 13.62 -2.29
C ARG A 24 5.85 13.87 -3.17
N GLU A 25 6.95 14.35 -2.59
CA GLU A 25 8.12 14.67 -3.39
C GLU A 25 8.69 13.42 -4.05
N TYR A 26 8.65 12.29 -3.35
CA TYR A 26 9.14 11.04 -3.92
C TYR A 26 8.15 10.50 -4.95
N ALA A 27 6.86 10.56 -4.64
CA ALA A 27 5.85 10.08 -5.59
C ALA A 27 5.95 10.82 -6.91
N GLU A 28 6.05 12.16 -6.87
CA GLU A 28 6.11 12.94 -8.10
C GLU A 28 7.40 12.69 -8.85
N ALA A 29 8.51 12.46 -8.14
CA ALA A 29 9.78 12.21 -8.81
C ALA A 29 9.75 10.89 -9.56
N VAL A 30 9.24 9.84 -8.93
CA VAL A 30 9.15 8.54 -9.58
C VAL A 30 8.20 8.59 -10.78
N GLU A 31 7.05 9.25 -10.60
CA GLU A 31 6.05 9.29 -11.67
C GLU A 31 6.62 9.91 -12.95
N GLU A 32 7.47 10.93 -12.81
CA GLU A 32 8.02 11.60 -13.99
C GLU A 32 8.88 10.67 -14.84
N GLN A 33 9.44 9.62 -14.24
CA GLN A 33 10.33 8.71 -14.95
C GLN A 33 9.63 7.49 -15.51
N LEU A 34 8.38 7.24 -15.12
CA LEU A 34 7.70 6.00 -15.45
C LEU A 34 7.40 5.92 -16.94
N THR A 35 7.51 4.71 -17.49
CA THR A 35 7.16 4.45 -18.87
C THR A 35 5.65 4.56 -19.04
N PRO A 36 5.16 4.59 -20.29
CA PRO A 36 3.70 4.62 -20.48
C PRO A 36 2.99 3.43 -19.89
N ARG A 37 3.55 2.22 -20.04
CA ARG A 37 2.92 1.04 -19.48
C ARG A 37 3.03 1.01 -17.96
N GLU A 38 4.13 1.52 -17.41
CA GLU A 38 4.22 1.65 -15.96
C GLU A 38 3.16 2.60 -15.43
N ARG A 39 2.86 3.66 -16.19
CA ARG A 39 1.78 4.56 -15.80
C ARG A 39 0.44 3.85 -15.83
N ASP A 40 0.20 3.03 -16.85
CA ASP A 40 -1.03 2.24 -16.89
C ASP A 40 -1.13 1.33 -15.66
N ALA A 41 -0.01 0.78 -15.22
CA ALA A 41 -0.02 -0.07 -14.03
C ALA A 41 -0.41 0.72 -12.79
N LEU A 42 0.09 1.95 -12.68
CA LEU A 42 -0.22 2.77 -11.51
C LEU A 42 -1.71 3.06 -11.42
N GLU A 43 -2.34 3.41 -12.55
CA GLU A 43 -3.78 3.65 -12.55
C GLU A 43 -4.54 2.39 -12.16
N ALA A 44 -4.12 1.23 -12.68
CA ALA A 44 -4.80 -0.02 -12.33
C ALA A 44 -4.74 -0.28 -10.84
N LEU A 45 -3.60 0.03 -10.21
CA LEU A 45 -3.50 -0.12 -8.76
C LEU A 45 -4.44 0.82 -8.03
N ARG A 46 -4.65 2.02 -8.56
CA ARG A 46 -5.62 2.94 -7.97
C ARG A 46 -7.03 2.37 -8.05
N VAL A 47 -7.40 1.86 -9.23
CA VAL A 47 -8.74 1.28 -9.40
C VAL A 47 -8.93 0.13 -8.42
N SER A 48 -7.99 -0.82 -8.41
CA SER A 48 -8.07 -1.93 -7.46
C SER A 48 -8.04 -1.45 -6.02
N GLY A 49 -7.44 -0.28 -5.78
CA GLY A 49 -7.32 0.24 -4.42
C GLY A 49 -8.64 0.63 -3.79
N GLU A 50 -9.70 0.76 -4.59
CA GLU A 50 -11.02 1.09 -4.06
C GLU A 50 -11.79 -0.16 -3.61
N GLU A 51 -11.19 -1.34 -3.74
CA GLU A 51 -11.79 -2.59 -3.26
C GLU A 51 -11.16 -2.90 -1.90
N VAL A 52 -11.90 -2.64 -0.83
CA VAL A 52 -11.37 -2.81 0.52
C VAL A 52 -10.95 -4.26 0.71
N ARG A 53 -9.69 -4.47 1.07
CA ARG A 53 -9.16 -5.82 1.22
C ARG A 53 -9.47 -6.41 2.59
N SER A 54 -9.54 -5.58 3.62
CA SER A 54 -9.82 -6.04 4.99
C SER A 54 -10.86 -5.11 5.61
N PRO A 55 -12.15 -5.44 5.47
CA PRO A 55 -13.17 -4.64 6.15
C PRO A 55 -13.02 -4.64 7.66
N LEU A 56 -12.46 -5.70 8.24
CA LEU A 56 -12.24 -5.74 9.68
C LEU A 56 -11.30 -4.64 10.13
N LEU A 57 -10.18 -4.48 9.43
CA LEU A 57 -9.24 -3.41 9.78
C LEU A 57 -9.82 -2.04 9.45
N GLN A 58 -10.75 -1.97 8.49
CA GLN A 58 -11.42 -0.71 8.20
C GLN A 58 -12.30 -0.26 9.37
N GLU A 59 -13.02 -1.21 9.99
CA GLU A 59 -13.89 -0.89 11.12
C GLU A 59 -13.08 -0.61 12.39
N LEU A 60 -12.08 -1.45 12.67
CA LEU A 60 -11.30 -1.32 13.88
C LEU A 60 -10.57 0.02 13.94
N SER A 61 -10.05 0.46 12.80
CA SER A 61 -9.31 1.71 12.67
C SER A 61 -10.24 2.89 12.47
N ASN A 62 -11.50 2.64 12.14
CA ASN A 62 -12.52 3.67 12.23
C ASN A 62 -12.75 4.09 13.68
N ALA A 63 -12.52 3.16 14.61
CA ALA A 63 -12.44 3.46 16.04
C ALA A 63 -11.05 4.00 16.39
N GLY A 64 -10.93 4.46 17.63
CA GLY A 64 -9.72 5.14 18.06
C GLY A 64 -9.71 6.60 17.64
N GLU A 65 -8.56 7.25 17.85
CA GLU A 65 -8.40 8.64 17.44
C GLU A 65 -8.15 8.74 15.93
N ASN A 69 -4.12 -1.26 20.33
CA ASN A 69 -2.81 -1.46 20.92
C ASN A 69 -1.75 -1.69 19.85
N PRO A 70 -0.47 -1.60 20.21
CA PRO A 70 0.59 -1.95 19.25
C PRO A 70 0.51 -3.39 18.77
N GLU A 71 0.04 -4.31 19.62
CA GLU A 71 -0.13 -5.69 19.19
C GLU A 71 -1.07 -5.77 17.99
N ASN A 72 -2.14 -4.99 18.01
CA ASN A 72 -3.14 -5.04 16.95
C ASN A 72 -2.76 -4.19 15.75
N SER A 73 -1.81 -3.26 15.90
CA SER A 73 -1.26 -2.55 14.75
C SER A 73 -0.32 -3.43 13.94
N HIS A 74 0.01 -4.63 14.42
CA HIS A 74 0.83 -5.59 13.69
C HIS A 74 0.03 -6.47 12.75
N ILE A 75 -1.30 -6.47 12.87
CA ILE A 75 -2.11 -7.34 12.02
C ILE A 75 -1.89 -7.06 10.54
N PRO A 76 -1.86 -5.81 10.07
CA PRO A 76 -1.62 -5.59 8.63
C PRO A 76 -0.31 -6.18 8.16
N ALA A 77 0.78 -5.95 8.90
CA ALA A 77 2.08 -6.47 8.50
C ALA A 77 2.06 -8.00 8.44
N ALA A 78 1.39 -8.63 9.40
CA ALA A 78 1.30 -10.09 9.38
C ALA A 78 0.50 -10.58 8.18
N LEU A 79 -0.56 -9.85 7.80
CA LEU A 79 -1.33 -10.23 6.63
C LEU A 79 -0.51 -10.08 5.35
N VAL A 80 0.21 -8.96 5.23
CA VAL A 80 1.08 -8.75 4.07
C VAL A 80 2.07 -9.90 3.95
N SER A 81 2.79 -10.20 5.04
CA SER A 81 3.75 -11.29 5.03
C SER A 81 3.08 -12.61 4.65
N ALA A 82 1.86 -12.83 5.14
CA ALA A 82 1.14 -14.05 4.79
C ALA A 82 0.82 -14.09 3.30
N LEU A 83 0.53 -12.93 2.69
CA LEU A 83 0.16 -12.91 1.29
C LEU A 83 1.35 -13.14 0.37
N LEU A 84 2.54 -12.73 0.80
CA LEU A 84 3.75 -12.87 0.00
C LEU A 84 4.57 -14.10 0.36
N GLU A 85 4.12 -14.89 1.34
CA GLU A 85 4.89 -16.02 1.80
C GLU A 85 5.29 -16.88 0.62
N PRO A 87 5.78 -19.04 -1.93
CA PRO A 87 4.75 -19.59 -2.83
C PRO A 87 3.53 -18.67 -2.96
N THR A 88 3.70 -17.55 -3.64
CA THR A 88 2.67 -16.52 -3.73
C THR A 88 2.15 -16.42 -5.16
N SER A 89 1.13 -15.57 -5.33
CA SER A 89 0.49 -15.31 -6.61
C SER A 89 0.53 -13.83 -6.93
N PRO A 90 0.45 -13.45 -8.23
CA PRO A 90 0.32 -12.01 -8.54
C PRO A 90 -0.84 -11.35 -7.81
N GLY A 91 -1.96 -12.05 -7.71
CA GLY A 91 -3.13 -11.47 -7.05
C GLY A 91 -2.87 -11.17 -5.58
N ARG A 92 -2.17 -12.08 -4.88
CA ARG A 92 -1.83 -11.83 -3.49
C ARG A 92 -0.84 -10.68 -3.36
N MET A 93 0.05 -10.52 -4.33
CA MET A 93 1.00 -9.40 -4.29
C MET A 93 0.27 -8.07 -4.40
N VAL A 94 -0.58 -7.92 -5.42
CA VAL A 94 -1.37 -6.70 -5.55
C VAL A 94 -2.24 -6.50 -4.33
N THR A 95 -2.83 -7.58 -3.82
CA THR A 95 -3.67 -7.48 -2.63
C THR A 95 -2.88 -6.96 -1.44
N ALA A 96 -1.63 -7.41 -1.29
CA ALA A 96 -0.79 -6.89 -0.22
C ALA A 96 -0.54 -5.39 -0.39
N VAL A 97 -0.25 -4.97 -1.63
CA VAL A 97 -0.02 -3.55 -1.89
C VAL A 97 -1.26 -2.74 -1.56
N GLU A 98 -2.43 -3.20 -2.01
CA GLU A 98 -3.66 -2.46 -1.78
C GLU A 98 -3.98 -2.37 -0.30
N LEU A 99 -3.74 -3.45 0.45
CA LEU A 99 -3.95 -3.39 1.90
C LEU A 99 -3.09 -2.32 2.54
N CYS A 100 -1.83 -2.19 2.08
CA CYS A 100 -0.95 -1.17 2.62
C CYS A 100 -1.48 0.23 2.34
N ALA A 101 -1.83 0.49 1.08
CA ALA A 101 -2.39 1.79 0.72
C ALA A 101 -3.60 2.12 1.58
N GLN A 102 -4.43 1.10 1.86
CA GLN A 102 -5.66 1.36 2.60
C GLN A 102 -5.40 1.63 4.06
N MET A 103 -4.37 0.99 4.64
CA MET A 103 -3.94 1.35 5.97
C MET A 103 -3.29 2.73 6.00
N GLY A 104 -2.62 3.11 4.91
CA GLY A 104 -2.10 4.46 4.83
C GLY A 104 -3.18 5.51 4.99
N ARG A 105 -4.35 5.27 4.38
CA ARG A 105 -5.45 6.22 4.46
C ARG A 105 -6.03 6.32 5.87
N LEU A 106 -5.83 5.32 6.71
CA LEU A 106 -6.28 5.38 8.10
C LEU A 106 -5.18 5.84 9.05
N TRP A 107 -3.92 5.57 8.73
CA TRP A 107 -2.80 5.82 9.62
C TRP A 107 -2.10 7.14 9.27
N THR A 108 -2.83 8.24 9.45
CA THR A 108 -2.33 9.54 9.03
C THR A 108 -1.74 10.39 10.15
N ARG A 109 -2.20 10.24 11.38
CA ARG A 109 -1.68 11.08 12.46
C ARG A 109 -0.30 10.59 12.92
N GLY A 110 0.43 11.51 13.56
CA GLY A 110 1.87 11.32 13.75
C GLY A 110 2.24 10.01 14.41
N ARG A 111 1.59 9.66 15.52
CA ARG A 111 2.02 8.49 16.28
C ARG A 111 1.73 7.19 15.55
N GLN A 112 0.88 7.20 14.53
CA GLN A 112 0.64 6.03 13.71
C GLN A 112 1.62 5.90 12.56
N LEU A 113 2.39 6.95 12.26
CA LEU A 113 3.33 6.88 11.15
C LEU A 113 4.35 5.77 11.35
N VAL A 114 4.72 5.49 12.61
CA VAL A 114 5.69 4.43 12.88
C VAL A 114 5.16 3.08 12.40
N ASP A 115 3.90 2.78 12.72
CA ASP A 115 3.33 1.52 12.28
C ASP A 115 3.27 1.44 10.76
N PHE A 116 2.91 2.56 10.11
CA PHE A 116 2.77 2.55 8.66
C PHE A 116 4.09 2.23 7.97
N MET A 117 5.18 2.82 8.46
CA MET A 117 6.48 2.61 7.83
C MET A 117 6.93 1.15 7.95
N ARG A 118 6.73 0.54 9.12
CA ARG A 118 7.00 -0.88 9.26
C ARG A 118 6.19 -1.69 8.23
N LEU A 119 4.90 -1.38 8.11
CA LEU A 119 4.05 -2.11 7.18
C LEU A 119 4.63 -2.09 5.77
N VAL A 120 4.96 -0.91 5.26
CA VAL A 120 5.49 -0.80 3.91
C VAL A 120 6.82 -1.52 3.80
N TYR A 121 7.65 -1.47 4.85
CA TYR A 121 8.92 -2.17 4.83
C TYR A 121 8.71 -3.68 4.70
N VAL A 122 7.81 -4.23 5.52
CA VAL A 122 7.49 -5.65 5.41
C VAL A 122 7.05 -5.99 4.00
N LEU A 123 6.26 -5.11 3.38
CA LEU A 123 5.80 -5.33 2.01
C LEU A 123 6.98 -5.45 1.04
N LEU A 124 7.77 -4.39 0.92
CA LEU A 124 8.79 -4.31 -0.11
C LEU A 124 9.98 -5.23 0.16
N ASP A 125 10.19 -5.63 1.41
CA ASP A 125 11.28 -6.56 1.71
C ASP A 125 10.92 -8.00 1.34
N ARG A 126 9.63 -8.33 1.33
CA ARG A 126 9.17 -9.70 1.11
C ARG A 126 8.58 -9.90 -0.28
N LEU A 127 8.84 -8.99 -1.22
CA LEU A 127 8.40 -9.18 -2.58
C LEU A 127 9.16 -10.34 -3.22
N PRO A 128 8.62 -10.90 -4.31
CA PRO A 128 9.38 -11.89 -5.06
C PRO A 128 10.21 -11.24 -6.15
N PRO A 129 11.26 -11.89 -6.63
CA PRO A 129 11.95 -11.36 -7.81
C PRO A 129 11.06 -11.33 -9.03
N THR A 130 10.08 -12.23 -9.09
CA THR A 130 9.14 -12.25 -10.21
C THR A 130 8.14 -11.09 -10.16
N ALA A 131 8.28 -10.19 -9.19
CA ALA A 131 7.39 -9.04 -9.06
C ALA A 131 7.24 -8.26 -10.35
N ASP A 132 8.37 -7.96 -11.01
CA ASP A 132 8.30 -7.20 -12.26
C ASP A 132 7.48 -7.96 -13.30
N GLU A 133 7.74 -9.26 -13.43
CA GLU A 133 6.99 -10.10 -14.36
C GLU A 133 5.55 -10.29 -13.87
N ASP A 134 5.37 -10.50 -12.56
CA ASP A 134 4.03 -10.76 -12.05
C ASP A 134 3.13 -9.55 -12.20
N LEU A 135 3.67 -8.34 -11.97
CA LEU A 135 2.85 -7.16 -12.12
C LEU A 135 2.48 -6.94 -13.58
N GLY A 136 3.41 -7.19 -14.50
CA GLY A 136 3.05 -7.19 -15.91
C GLY A 136 1.99 -8.22 -16.22
N ALA A 137 2.09 -9.39 -15.60
CA ALA A 137 1.09 -10.43 -15.80
C ALA A 137 -0.27 -10.02 -15.23
N TRP A 138 -0.27 -9.45 -14.02
CA TRP A 138 -1.53 -9.01 -13.43
C TRP A 138 -2.19 -7.93 -14.28
N LEU A 139 -1.39 -6.96 -14.74
CA LEU A 139 -1.96 -5.87 -15.55
C LEU A 139 -2.65 -6.40 -16.80
N GLN A 140 -1.98 -7.31 -17.52
CA GLN A 140 -2.58 -7.87 -18.72
C GLN A 140 -3.78 -8.75 -18.39
N ALA A 141 -3.77 -9.40 -17.24
CA ALA A 141 -4.90 -10.25 -16.86
C ALA A 141 -6.14 -9.41 -16.58
N VAL A 142 -6.00 -8.37 -15.76
CA VAL A 142 -7.15 -7.52 -15.45
C VAL A 142 -7.61 -6.78 -16.70
N ALA A 143 -6.66 -6.39 -17.56
CA ALA A 143 -7.04 -5.74 -18.81
C ALA A 143 -7.81 -6.67 -19.72
N ARG A 144 -7.35 -7.91 -19.86
CA ARG A 144 -8.01 -8.84 -20.76
C ARG A 144 -9.38 -9.26 -20.23
N VAL A 145 -9.52 -9.38 -18.91
CA VAL A 145 -10.81 -9.79 -18.33
C VAL A 145 -11.82 -8.65 -18.39
N HIS A 146 -11.36 -7.41 -18.18
CA HIS A 146 -12.26 -6.26 -18.11
C HIS A 146 -12.33 -5.47 -19.42
N GLY A 147 -11.32 -5.57 -20.27
CA GLY A 147 -11.34 -4.88 -21.55
C GLY A 147 -12.37 -5.45 -22.51
#